data_4CSS
#
_entry.id   4CSS
#
_cell.length_a   48.384
_cell.length_b   56.234
_cell.length_c   61.595
_cell.angle_alpha   90.00
_cell.angle_beta   90.00
_cell.angle_gamma   90.00
#
_symmetry.space_group_name_H-M   'P 21 21 21'
#
loop_
_entity.id
_entity.type
_entity.pdbx_description
1 polymer 'PROTEIN FIMH'
2 non-polymer "4'-(alpha-D-Mannopyranosyloxy)-biphenyl-4-methyl sulfonamide"
3 non-polymer GLYCEROL
4 water water
#
_entity_poly.entity_id   1
_entity_poly.type   'polypeptide(L)'
_entity_poly.pdbx_seq_one_letter_code
;FACKTANGTAIPIGGGSANVYVNLAPVVNVGQNLVVDLSTQIFCHNDYPETITDYVTLQRGSAYGGVLSNFSGTVKYSGS
SYPFPTTSETPRVVYNSRTDKPWPVALYLTPVSSAGGVAIKAGSLIAVLILRQTNNYNSDDFQFVWNIYANNDVVVPTGL
VPR
;
_entity_poly.pdbx_strand_id   A
#
# COMPACT_ATOMS: atom_id res chain seq x y z
N PHE A 1 -12.41 -9.18 10.60
CA PHE A 1 -11.43 -8.23 10.02
C PHE A 1 -11.89 -7.85 8.64
N ALA A 2 -11.97 -6.56 8.39
CA ALA A 2 -12.35 -6.04 7.09
C ALA A 2 -11.74 -4.66 6.93
N CYS A 3 -11.78 -4.16 5.69
CA CYS A 3 -11.09 -2.93 5.33
C CYS A 3 -11.95 -2.06 4.42
N LYS A 4 -11.64 -0.78 4.42
N LYS A 4 -11.56 -0.82 4.30
CA LYS A 4 -12.34 0.23 3.64
CA LYS A 4 -12.22 0.06 3.38
C LYS A 4 -11.32 1.19 3.02
C LYS A 4 -11.27 1.12 2.94
N THR A 5 -11.71 1.89 1.98
CA THR A 5 -10.84 2.83 1.30
C THR A 5 -11.35 4.25 1.32
N ALA A 6 -10.45 5.17 1.01
CA ALA A 6 -10.78 6.57 0.85
C ALA A 6 -11.58 6.85 -0.43
N ASN A 7 -11.77 5.85 -1.29
N ASN A 7 -11.72 5.81 -1.26
CA ASN A 7 -12.66 6.05 -2.42
CA ASN A 7 -12.53 5.85 -2.47
C ASN A 7 -13.98 5.36 -2.23
C ASN A 7 -13.99 5.44 -2.21
N GLY A 8 -14.31 5.04 -0.99
CA GLY A 8 -15.65 4.61 -0.66
C GLY A 8 -15.95 3.16 -0.94
N THR A 9 -14.94 2.33 -1.15
CA THR A 9 -15.15 0.92 -1.41
C THR A 9 -14.61 0.14 -0.23
N ALA A 10 -14.85 -1.16 -0.26
CA ALA A 10 -14.61 -2.04 0.86
C ALA A 10 -14.03 -3.35 0.37
N ILE A 11 -13.44 -4.07 1.30
CA ILE A 11 -13.17 -5.49 1.13
C ILE A 11 -13.65 -6.16 2.43
N PRO A 12 -14.59 -7.12 2.35
CA PRO A 12 -15.18 -7.71 3.54
C PRO A 12 -14.30 -8.79 4.15
N ILE A 13 -14.80 -9.33 5.26
CA ILE A 13 -14.25 -10.55 5.83
C ILE A 13 -13.94 -11.53 4.73
N GLY A 14 -12.76 -12.14 4.84
CA GLY A 14 -12.34 -13.15 3.89
C GLY A 14 -11.49 -12.63 2.76
N GLY A 15 -11.33 -11.31 2.65
CA GLY A 15 -10.47 -10.75 1.62
C GLY A 15 -11.12 -10.56 0.29
N GLY A 16 -10.30 -10.21 -0.68
CA GLY A 16 -10.75 -9.77 -1.97
C GLY A 16 -9.86 -8.69 -2.49
N SER A 17 -10.40 -7.86 -3.37
N SER A 17 -10.38 -7.88 -3.41
CA SER A 17 -9.62 -6.80 -3.94
CA SER A 17 -9.62 -6.87 -4.13
C SER A 17 -10.36 -5.49 -3.97
C SER A 17 -10.33 -5.53 -4.15
N ALA A 18 -9.58 -4.44 -4.17
CA ALA A 18 -10.14 -3.12 -4.33
C ALA A 18 -9.12 -2.25 -5.03
N ASN A 19 -9.62 -1.16 -5.60
CA ASN A 19 -8.83 -0.12 -6.25
C ASN A 19 -8.69 1.09 -5.34
N VAL A 20 -7.51 1.69 -5.37
CA VAL A 20 -7.17 2.88 -4.62
C VAL A 20 -6.60 3.88 -5.58
N TYR A 21 -7.01 5.15 -5.45
CA TYR A 21 -6.60 6.24 -6.34
C TYR A 21 -5.87 7.28 -5.53
N VAL A 22 -4.63 7.52 -5.88
N VAL A 22 -4.64 7.54 -5.90
CA VAL A 22 -3.77 8.38 -5.08
CA VAL A 22 -3.78 8.36 -5.09
C VAL A 22 -3.37 9.63 -5.81
C VAL A 22 -3.38 9.63 -5.82
N ASN A 23 -3.49 10.76 -5.12
CA ASN A 23 -2.92 11.98 -5.61
C ASN A 23 -1.42 11.97 -5.34
N LEU A 24 -0.65 12.31 -6.35
CA LEU A 24 0.80 12.25 -6.27
C LEU A 24 1.39 13.63 -6.50
N ALA A 25 2.51 13.90 -5.87
CA ALA A 25 3.23 15.15 -6.13
C ALA A 25 3.40 15.32 -7.64
N PRO A 26 3.13 16.52 -8.19
N PRO A 26 3.07 16.51 -8.18
CA PRO A 26 3.18 16.58 -9.66
CA PRO A 26 3.16 16.72 -9.63
C PRO A 26 4.59 16.64 -10.21
C PRO A 26 4.57 16.66 -10.20
N VAL A 27 5.56 16.99 -9.37
CA VAL A 27 6.96 17.09 -9.76
C VAL A 27 7.82 16.39 -8.74
N VAL A 28 8.74 15.58 -9.22
N VAL A 28 8.69 15.50 -9.19
CA VAL A 28 9.69 14.87 -8.39
CA VAL A 28 9.68 14.88 -8.31
C VAL A 28 11.02 14.92 -9.10
C VAL A 28 10.99 14.86 -9.05
N ASN A 29 12.05 15.38 -8.39
N ASN A 29 12.04 15.34 -8.40
CA ASN A 29 13.38 15.53 -8.96
CA ASN A 29 13.34 15.37 -9.06
C ASN A 29 14.18 14.24 -8.76
C ASN A 29 14.16 14.15 -8.79
N VAL A 30 15.11 13.94 -9.67
CA VAL A 30 16.14 12.97 -9.38
C VAL A 30 16.78 13.30 -8.03
N GLY A 31 17.06 12.26 -7.26
CA GLY A 31 17.62 12.43 -5.95
C GLY A 31 16.63 12.76 -4.86
N GLN A 32 15.34 12.79 -5.18
N GLN A 32 15.34 12.81 -5.22
CA GLN A 32 14.34 13.04 -4.17
CA GLN A 32 14.25 13.06 -4.29
C GLN A 32 13.25 11.97 -4.28
C GLN A 32 13.32 11.85 -4.23
N ASN A 33 12.46 11.84 -3.23
CA ASN A 33 11.44 10.80 -3.13
C ASN A 33 10.05 11.33 -3.41
N LEU A 34 9.32 10.55 -4.20
CA LEU A 34 7.88 10.62 -4.35
C LEU A 34 7.29 9.76 -3.27
N VAL A 35 6.45 10.35 -2.41
CA VAL A 35 5.83 9.60 -1.33
C VAL A 35 4.42 9.18 -1.73
N VAL A 36 4.13 7.91 -1.59
CA VAL A 36 2.81 7.39 -1.84
C VAL A 36 2.30 6.82 -0.51
N ASP A 37 1.54 7.60 0.24
CA ASP A 37 1.17 7.21 1.59
C ASP A 37 -0.16 6.49 1.54
N LEU A 38 -0.19 5.20 1.81
CA LEU A 38 -1.44 4.47 1.78
C LEU A 38 -2.18 4.54 3.10
N SER A 39 -1.57 5.10 4.13
CA SER A 39 -2.24 5.22 5.42
C SER A 39 -3.39 6.22 5.39
N THR A 40 -3.47 7.05 4.35
CA THR A 40 -4.62 7.93 4.14
C THR A 40 -5.61 7.35 3.14
N GLN A 41 -5.38 6.09 2.74
CA GLN A 41 -6.17 5.43 1.72
C GLN A 41 -6.87 4.18 2.19
N ILE A 42 -6.24 3.40 3.06
CA ILE A 42 -6.67 2.05 3.40
C ILE A 42 -6.77 1.97 4.93
N PHE A 43 -7.93 1.51 5.39
CA PHE A 43 -8.24 1.49 6.80
C PHE A 43 -8.86 0.14 7.13
N CYS A 44 -8.49 -0.46 8.23
N CYS A 44 -8.45 -0.47 8.22
CA CYS A 44 -9.01 -1.76 8.60
CA CYS A 44 -8.93 -1.79 8.61
C CYS A 44 -9.35 -1.83 10.07
C CYS A 44 -9.45 -1.79 10.04
N HIS A 45 -10.09 -2.88 10.45
CA HIS A 45 -10.47 -3.04 11.85
C HIS A 45 -10.65 -4.52 12.14
N ASN A 46 -10.60 -4.84 13.43
CA ASN A 46 -10.85 -6.16 13.98
C ASN A 46 -12.34 -6.24 14.39
N ASP A 47 -13.00 -7.31 13.96
CA ASP A 47 -14.45 -7.47 14.19
C ASP A 47 -14.80 -8.12 15.52
N TYR A 48 -13.82 -8.64 16.27
CA TYR A 48 -14.14 -9.23 17.56
C TYR A 48 -12.93 -9.12 18.49
N PRO A 49 -12.55 -7.88 18.83
CA PRO A 49 -11.30 -7.68 19.57
C PRO A 49 -11.36 -8.13 21.02
N GLU A 50 -12.55 -8.41 21.51
CA GLU A 50 -12.75 -8.92 22.85
C GLU A 50 -11.95 -10.19 23.05
N THR A 51 -11.86 -11.03 22.02
CA THR A 51 -11.18 -12.31 22.13
C THR A 51 -10.17 -12.61 21.05
N ILE A 52 -10.21 -11.90 19.94
CA ILE A 52 -9.36 -12.23 18.81
C ILE A 52 -8.35 -11.11 18.58
N THR A 53 -7.09 -11.48 18.33
CA THR A 53 -6.09 -10.54 17.85
C THR A 53 -5.82 -10.84 16.39
N ASP A 54 -5.90 -9.80 15.55
CA ASP A 54 -5.60 -9.89 14.13
C ASP A 54 -4.16 -9.45 13.86
N TYR A 55 -3.54 -10.15 12.92
CA TYR A 55 -2.16 -9.90 12.51
C TYR A 55 -2.16 -9.58 11.03
N VAL A 56 -1.47 -8.51 10.65
CA VAL A 56 -1.53 -8.00 9.29
C VAL A 56 -0.15 -7.70 8.77
N THR A 57 0.20 -8.26 7.63
CA THR A 57 1.48 -8.03 6.98
C THR A 57 1.26 -7.42 5.60
N LEU A 58 2.31 -6.81 5.07
CA LEU A 58 2.45 -6.61 3.63
C LEU A 58 3.14 -7.85 3.09
N GLN A 59 2.39 -8.66 2.40
N GLN A 59 2.37 -8.73 2.48
CA GLN A 59 2.91 -9.92 1.88
CA GLN A 59 2.90 -9.98 1.93
C GLN A 59 3.81 -9.72 0.66
C GLN A 59 3.73 -9.73 0.69
N ARG A 60 3.34 -8.94 -0.31
N ARG A 60 3.36 -8.70 -0.05
CA ARG A 60 4.13 -8.58 -1.47
CA ARG A 60 3.94 -8.49 -1.35
C ARG A 60 3.63 -7.26 -2.02
C ARG A 60 3.61 -7.10 -1.83
N GLY A 61 4.58 -6.45 -2.44
CA GLY A 61 4.33 -5.22 -3.14
C GLY A 61 5.03 -5.27 -4.49
N SER A 62 4.27 -5.02 -5.54
CA SER A 62 4.75 -5.07 -6.91
C SER A 62 4.57 -3.71 -7.56
N ALA A 63 5.48 -3.38 -8.47
CA ALA A 63 5.45 -2.13 -9.21
C ALA A 63 4.96 -2.35 -10.64
N TYR A 64 4.30 -1.33 -11.15
CA TYR A 64 3.75 -1.35 -12.51
C TYR A 64 4.00 -0.04 -13.23
N GLY A 65 3.89 -0.10 -14.54
CA GLY A 65 3.86 1.08 -15.38
C GLY A 65 5.06 1.96 -15.19
N GLY A 66 4.80 3.25 -14.99
CA GLY A 66 5.88 4.21 -14.85
C GLY A 66 6.69 4.04 -13.58
N VAL A 67 6.09 3.51 -12.53
CA VAL A 67 6.86 3.21 -11.33
C VAL A 67 7.87 2.10 -11.61
N LEU A 68 7.40 1.03 -12.25
CA LEU A 68 8.27 -0.08 -12.61
C LEU A 68 9.40 0.38 -13.54
N SER A 69 9.12 1.25 -14.50
N SER A 69 9.08 1.24 -14.51
CA SER A 69 10.14 1.58 -15.48
CA SER A 69 10.05 1.66 -15.51
C SER A 69 11.02 2.77 -15.09
C SER A 69 11.04 2.68 -14.97
N ASN A 70 10.52 3.65 -14.23
CA ASN A 70 11.22 4.93 -14.00
C ASN A 70 11.66 5.22 -12.59
N PHE A 71 11.37 4.34 -11.63
CA PHE A 71 11.65 4.58 -10.23
C PHE A 71 12.28 3.38 -9.57
N SER A 72 12.97 3.63 -8.47
N SER A 72 13.06 3.67 -8.54
CA SER A 72 13.29 2.59 -7.49
CA SER A 72 13.55 2.69 -7.60
C SER A 72 12.86 3.09 -6.12
C SER A 72 12.94 3.05 -6.25
N GLY A 73 13.16 2.33 -5.06
N GLY A 73 12.51 2.04 -5.50
CA GLY A 73 12.96 2.82 -3.71
CA GLY A 73 11.70 2.30 -4.33
C GLY A 73 12.58 1.79 -2.68
C GLY A 73 12.09 1.58 -3.05
N THR A 74 11.80 2.24 -1.70
N THR A 74 11.46 2.07 -1.99
CA THR A 74 11.49 1.47 -0.52
CA THR A 74 11.41 1.40 -0.71
C THR A 74 10.00 1.52 -0.21
C THR A 74 9.99 1.54 -0.19
N VAL A 75 9.60 0.60 0.65
CA VAL A 75 8.31 0.65 1.31
C VAL A 75 8.56 0.72 2.81
N LYS A 76 7.91 1.67 3.47
N LYS A 76 7.86 1.64 3.46
CA LYS A 76 7.91 1.75 4.91
CA LYS A 76 7.92 1.78 4.91
C LYS A 76 6.64 1.09 5.39
C LYS A 76 6.64 1.18 5.49
N TYR A 77 6.81 0.15 6.32
CA TYR A 77 5.72 -0.58 6.93
C TYR A 77 5.87 -0.48 8.41
N SER A 78 4.96 0.25 9.04
CA SER A 78 4.98 0.39 10.49
C SER A 78 6.36 0.77 11.02
N GLY A 79 6.97 1.77 10.40
CA GLY A 79 8.21 2.33 10.94
C GLY A 79 9.52 1.70 10.49
N SER A 80 9.51 0.60 9.75
CA SER A 80 10.72 0.03 9.19
C SER A 80 10.58 0.02 7.68
N SER A 81 11.69 0.17 6.97
CA SER A 81 11.69 0.20 5.53
C SER A 81 12.37 -0.99 4.92
N TYR A 82 11.90 -1.33 3.73
CA TYR A 82 12.31 -2.50 2.97
C TYR A 82 12.38 -2.14 1.51
N PRO A 83 13.10 -2.94 0.71
CA PRO A 83 13.08 -2.66 -0.74
C PRO A 83 11.67 -2.75 -1.31
N PHE A 84 11.43 -1.94 -2.34
CA PHE A 84 10.20 -2.00 -3.12
C PHE A 84 10.57 -1.92 -4.59
N PRO A 85 10.11 -2.85 -5.44
CA PRO A 85 9.26 -4.01 -5.18
C PRO A 85 9.84 -4.90 -4.10
N THR A 86 8.95 -5.58 -3.39
CA THR A 86 9.34 -6.30 -2.20
C THR A 86 10.04 -7.60 -2.50
N THR A 87 10.83 -8.03 -1.52
CA THR A 87 11.60 -9.27 -1.64
C THR A 87 11.36 -10.22 -0.46
N SER A 88 10.44 -9.88 0.44
CA SER A 88 10.06 -10.74 1.55
C SER A 88 8.72 -10.26 2.06
N GLU A 89 8.10 -10.99 2.97
CA GLU A 89 6.93 -10.56 3.69
C GLU A 89 7.37 -9.78 4.92
N THR A 90 6.68 -8.69 5.24
CA THR A 90 7.02 -7.88 6.39
C THR A 90 6.63 -8.57 7.70
N PRO A 91 7.13 -8.03 8.81
CA PRO A 91 6.55 -8.36 10.11
C PRO A 91 5.08 -7.96 10.21
N ARG A 92 4.42 -8.48 11.23
N ARG A 92 4.44 -8.43 11.27
CA ARG A 92 3.01 -8.20 11.48
CA ARG A 92 3.01 -8.22 11.49
C ARG A 92 2.79 -6.89 12.22
C ARG A 92 2.74 -6.96 12.29
N VAL A 93 1.66 -6.28 11.93
CA VAL A 93 1.04 -5.25 12.73
C VAL A 93 -0.21 -5.84 13.37
N VAL A 94 -0.42 -5.56 14.64
CA VAL A 94 -1.60 -6.02 15.38
C VAL A 94 -2.77 -5.07 15.17
N TYR A 95 -3.95 -5.66 14.90
CA TYR A 95 -5.21 -4.93 14.89
C TYR A 95 -6.03 -5.52 16.05
N ASN A 96 -6.42 -4.66 16.99
CA ASN A 96 -7.00 -5.08 18.26
C ASN A 96 -8.15 -4.16 18.70
N SER A 97 -8.80 -3.54 17.73
CA SER A 97 -9.90 -2.64 17.99
C SER A 97 -10.88 -2.66 16.83
N ARG A 98 -12.17 -2.44 17.14
N ARG A 98 -12.12 -2.41 17.20
CA ARG A 98 -13.17 -2.22 16.09
CA ARG A 98 -13.18 -2.24 16.24
C ARG A 98 -13.00 -0.88 15.41
C ARG A 98 -13.11 -0.87 15.53
N THR A 99 -12.32 0.06 16.06
CA THR A 99 -12.15 1.36 15.44
C THR A 99 -11.24 1.26 14.23
N ASP A 100 -11.64 1.91 13.14
CA ASP A 100 -10.81 1.99 11.94
C ASP A 100 -9.40 2.40 12.30
N LYS A 101 -8.41 1.70 11.76
N LYS A 101 -8.41 1.71 11.73
CA LYS A 101 -7.02 2.08 11.93
CA LYS A 101 -7.02 2.03 11.90
C LYS A 101 -6.31 2.00 10.58
C LYS A 101 -6.35 2.02 10.54
N PRO A 102 -5.60 3.07 10.22
CA PRO A 102 -4.91 3.08 8.93
C PRO A 102 -3.97 1.89 8.77
N TRP A 103 -3.81 1.44 7.55
CA TRP A 103 -2.79 0.44 7.23
C TRP A 103 -1.48 1.23 7.01
N PRO A 104 -0.43 0.97 7.84
CA PRO A 104 0.71 1.90 7.89
C PRO A 104 1.76 1.60 6.84
N VAL A 105 1.39 1.80 5.58
CA VAL A 105 2.24 1.54 4.43
C VAL A 105 2.44 2.81 3.64
N ALA A 106 3.67 3.07 3.26
CA ALA A 106 3.98 4.18 2.36
C ALA A 106 5.13 3.81 1.46
N LEU A 107 5.03 4.17 0.20
CA LEU A 107 6.11 3.97 -0.75
C LEU A 107 6.94 5.24 -0.86
N TYR A 108 8.26 5.08 -0.97
N TYR A 108 8.25 5.06 -0.94
CA TYR A 108 9.19 6.20 -1.17
CA TYR A 108 9.22 6.13 -1.17
C TYR A 108 10.01 5.90 -2.42
C TYR A 108 9.90 5.77 -2.47
N LEU A 109 9.60 6.52 -3.52
CA LEU A 109 10.01 6.19 -4.88
C LEU A 109 10.89 7.28 -5.43
N THR A 110 12.07 6.93 -5.92
CA THR A 110 12.99 7.94 -6.43
C THR A 110 13.25 7.67 -7.91
N PRO A 111 13.27 8.72 -8.74
CA PRO A 111 13.42 8.50 -10.17
C PRO A 111 14.80 8.00 -10.53
N VAL A 112 14.87 7.08 -11.46
CA VAL A 112 16.13 6.59 -11.98
C VAL A 112 16.69 7.63 -12.91
N GLY A 116 12.94 11.31 -17.07
CA GLY A 116 12.57 12.69 -17.40
C GLY A 116 11.20 12.82 -18.10
N GLY A 117 10.55 13.99 -18.01
CA GLY A 117 9.23 14.18 -18.61
C GLY A 117 8.16 13.49 -17.76
N VAL A 118 7.04 13.09 -18.36
CA VAL A 118 5.98 12.40 -17.62
C VAL A 118 6.46 10.99 -17.33
N ALA A 119 6.70 10.75 -16.07
CA ALA A 119 7.26 9.48 -15.59
C ALA A 119 6.19 8.54 -15.06
N ILE A 120 5.05 9.07 -14.64
CA ILE A 120 3.88 8.29 -14.26
C ILE A 120 2.69 8.96 -14.91
N LYS A 121 1.91 8.19 -15.65
N LYS A 121 1.90 8.21 -15.66
CA LYS A 121 0.73 8.71 -16.31
CA LYS A 121 0.74 8.76 -16.34
C LYS A 121 -0.49 8.72 -15.41
C LYS A 121 -0.53 8.68 -15.50
N ALA A 122 -1.29 9.78 -15.52
CA ALA A 122 -2.57 9.84 -14.83
C ALA A 122 -3.42 8.63 -15.20
N GLY A 123 -4.03 8.04 -14.18
CA GLY A 123 -4.93 6.93 -14.34
C GLY A 123 -4.25 5.58 -14.40
N SER A 124 -2.93 5.54 -14.43
CA SER A 124 -2.22 4.29 -14.61
C SER A 124 -2.04 3.51 -13.31
N LEU A 125 -1.99 2.19 -13.45
CA LEU A 125 -1.65 1.32 -12.33
C LEU A 125 -0.19 1.54 -11.98
N ILE A 126 0.09 1.80 -10.69
CA ILE A 126 1.46 1.99 -10.23
C ILE A 126 1.95 0.87 -9.32
N ALA A 127 1.05 0.18 -8.63
CA ALA A 127 1.48 -0.83 -7.67
C ALA A 127 0.34 -1.77 -7.35
N VAL A 128 0.67 -2.97 -6.90
CA VAL A 128 -0.30 -3.86 -6.29
C VAL A 128 0.30 -4.27 -4.95
N LEU A 129 -0.46 -4.04 -3.88
CA LEU A 129 -0.01 -4.34 -2.53
C LEU A 129 -0.94 -5.39 -1.93
N ILE A 130 -0.37 -6.47 -1.44
N ILE A 130 -0.34 -6.48 -1.44
CA ILE A 130 -1.15 -7.56 -0.86
CA ILE A 130 -1.09 -7.59 -0.85
C ILE A 130 -1.00 -7.47 0.66
C ILE A 130 -1.00 -7.55 0.68
N LEU A 131 -2.12 -7.24 1.32
CA LEU A 131 -2.26 -7.28 2.77
C LEU A 131 -2.68 -8.69 3.14
N ARG A 132 -1.93 -9.33 4.04
N ARG A 132 -1.86 -9.37 3.96
CA ARG A 132 -2.23 -10.68 4.48
CA ARG A 132 -2.24 -10.69 4.47
C ARG A 132 -2.64 -10.65 5.94
C ARG A 132 -2.69 -10.58 5.91
N GLN A 133 -3.84 -11.16 6.21
CA GLN A 133 -4.43 -11.13 7.52
C GLN A 133 -4.61 -12.54 8.07
N THR A 134 -4.08 -12.72 9.28
CA THR A 134 -4.25 -13.94 10.07
C THR A 134 -4.71 -13.52 11.47
N ASN A 135 -4.79 -14.46 12.41
CA ASN A 135 -5.20 -14.13 13.76
C ASN A 135 -4.67 -15.17 14.75
N ASN A 136 -5.02 -15.01 16.02
CA ASN A 136 -4.64 -15.95 17.07
C ASN A 136 -5.77 -16.85 17.50
N TYR A 137 -6.76 -17.02 16.64
CA TYR A 137 -8.01 -17.64 17.00
C TYR A 137 -8.30 -18.90 16.19
N ASN A 138 -8.14 -18.82 14.87
CA ASN A 138 -8.44 -19.90 13.95
C ASN A 138 -7.37 -19.93 12.88
N SER A 139 -7.61 -20.61 11.76
N SER A 139 -7.64 -20.60 11.75
CA SER A 139 -6.61 -20.73 10.74
CA SER A 139 -6.66 -20.76 10.69
C SER A 139 -6.81 -19.79 9.54
C SER A 139 -6.93 -19.87 9.48
N ASP A 140 -7.67 -18.79 9.68
CA ASP A 140 -7.90 -17.84 8.61
C ASP A 140 -6.58 -17.25 8.11
N ASP A 141 -6.47 -17.13 6.80
CA ASP A 141 -5.28 -16.57 6.16
C ASP A 141 -5.76 -15.93 4.86
N PHE A 142 -6.05 -14.65 4.91
CA PHE A 142 -6.77 -13.98 3.83
C PHE A 142 -5.93 -12.89 3.20
N GLN A 143 -6.09 -12.72 1.90
N GLN A 143 -6.14 -12.70 1.90
CA GLN A 143 -5.44 -11.65 1.15
CA GLN A 143 -5.45 -11.68 1.11
C GLN A 143 -6.42 -10.57 0.79
C GLN A 143 -6.39 -10.56 0.71
N PHE A 144 -6.01 -9.35 1.08
CA PHE A 144 -6.71 -8.12 0.72
C PHE A 144 -5.80 -7.44 -0.28
N VAL A 145 -6.20 -7.44 -1.55
CA VAL A 145 -5.36 -7.03 -2.67
C VAL A 145 -5.72 -5.63 -3.08
N TRP A 146 -4.75 -4.72 -3.01
CA TRP A 146 -4.98 -3.30 -3.26
C TRP A 146 -4.28 -2.91 -4.55
N ASN A 147 -5.05 -2.53 -5.55
CA ASN A 147 -4.54 -2.07 -6.84
C ASN A 147 -4.45 -0.57 -6.78
N ILE A 148 -3.25 -0.04 -6.88
CA ILE A 148 -2.99 1.38 -6.64
C ILE A 148 -2.80 2.09 -7.96
N TYR A 149 -3.64 3.09 -8.20
CA TYR A 149 -3.64 3.89 -9.43
C TYR A 149 -3.28 5.33 -9.14
N ALA A 150 -2.53 5.92 -10.06
CA ALA A 150 -2.20 7.33 -9.98
C ALA A 150 -3.38 8.17 -10.43
N ASN A 151 -3.73 9.21 -9.67
CA ASN A 151 -4.77 10.13 -10.11
C ASN A 151 -4.29 11.19 -11.06
N ASN A 152 -2.98 11.39 -11.18
CA ASN A 152 -2.44 12.49 -11.95
C ASN A 152 -1.06 12.11 -12.47
N ASP A 153 -0.63 12.83 -13.50
CA ASP A 153 0.72 12.69 -14.02
C ASP A 153 1.75 13.13 -12.97
N VAL A 154 2.90 12.48 -13.02
CA VAL A 154 4.09 12.90 -12.25
C VAL A 154 5.20 13.17 -13.27
N VAL A 155 5.79 14.35 -13.16
CA VAL A 155 6.85 14.79 -14.02
C VAL A 155 8.17 14.81 -13.27
N VAL A 156 9.21 14.33 -13.94
CA VAL A 156 10.59 14.39 -13.45
C VAL A 156 11.32 15.42 -14.33
N PRO A 157 11.71 16.55 -13.76
CA PRO A 157 12.36 17.59 -14.59
C PRO A 157 13.68 17.13 -15.12
N THR A 158 14.07 17.69 -16.25
CA THR A 158 15.44 17.53 -16.70
C THR A 158 16.38 18.35 -15.79
#